data_5Y3T
#
_entry.id   5Y3T
#
_cell.length_a   143.902
_cell.length_b   59.732
_cell.length_c   58.554
_cell.angle_alpha   90.00
_cell.angle_beta   97.42
_cell.angle_gamma   90.00
#
_symmetry.space_group_name_H-M   'C 1 2 1'
#
loop_
_entity.id
_entity.type
_entity.pdbx_description
1 polymer 'RanBP-type and C3HC4-type zinc finger-containing protein 1'
2 polymer 'E3 ubiquitin-protein ligase RNF31'
3 polymer Sharpin
4 non-polymer GLYCEROL
5 water water
#
loop_
_entity_poly.entity_id
_entity_poly.type
_entity_poly.pdbx_seq_one_letter_code
_entity_poly.pdbx_strand_id
1 'polypeptide(L)'
;MDEKTKKAEEMALSLARAVAGGDEQAAIKYATWLAEQRVPLRVQVKPEVSPTQDIRLCVSVEDAYMHTVTIWLTVRPDMT
VASLKDMVFLDYGFPPSLQQWVVGQRLARDQETLHSHGIRRNGDGAYLYLLSARNTSLNP
;
A
2 'polypeptide(L)'
;GRQDKMRKEGLQLVSMIQEGETAGASPEEVFSALQYSGTEVPLQWLRSELSYVLEMVAELAGQQDPELGAFSCQEARKAW
LDRHGNLDEAVEECVRARRRKVHELQSLGFGPKEGSLQALFQHGGDVARALTELQRQRLEPFHQRLWDRDPEPTPCWD
;
B
3 'polypeptide(L)'
;GPLGSPEFSSGNFKKEELATRLSQAIAGGDEKAAAQVAAVLAQHHVALNVQLMEAWFPPGPIRLQVTVEDATSVLSSSSS
AHVSLKIHPHCSIAALQDQVFSEFGFPPAVQRWVIGRCLCMPERSLASYGVSQDGDPAFLYLLSAPREVSGQSLQNSKMD
RKLGLFPQSLGLPHDLQPSSSSLPSPS
;
C
#
loop_
_chem_comp.id
_chem_comp.type
_chem_comp.name
_chem_comp.formula
GOL non-polymer GLYCEROL 'C3 H8 O3'
#
# COMPACT_ATOMS: atom_id res chain seq x y z
N ASP A 2 -26.51 -6.50 7.43
CA ASP A 2 -26.27 -6.09 6.03
C ASP A 2 -27.31 -6.74 5.09
N GLU A 3 -28.02 -5.92 4.32
CA GLU A 3 -28.89 -6.39 3.23
C GLU A 3 -28.05 -6.92 2.03
N LYS A 4 -28.29 -6.42 0.80
CA LYS A 4 -27.29 -6.39 -0.26
C LYS A 4 -26.70 -4.97 -0.29
N THR A 5 -26.55 -4.39 0.89
CA THR A 5 -25.58 -3.34 1.16
C THR A 5 -24.14 -3.96 1.04
N LYS A 6 -24.05 -5.26 1.30
CA LYS A 6 -22.85 -6.06 1.16
C LYS A 6 -22.33 -5.92 -0.25
N LYS A 7 -23.25 -6.15 -1.18
CA LYS A 7 -22.98 -6.20 -2.62
C LYS A 7 -22.52 -4.83 -3.14
N ALA A 8 -23.29 -3.82 -2.83
CA ALA A 8 -22.89 -2.46 -3.14
C ALA A 8 -21.47 -2.11 -2.59
N GLU A 9 -21.06 -2.61 -1.43
CA GLU A 9 -19.69 -2.32 -0.90
C GLU A 9 -18.58 -2.98 -1.75
N GLU A 10 -18.77 -4.28 -2.00
CA GLU A 10 -17.93 -5.06 -2.91
C GLU A 10 -17.72 -4.36 -4.21
N MET A 11 -18.80 -3.93 -4.83
CA MET A 11 -18.70 -3.20 -6.11
C MET A 11 -17.94 -1.88 -5.94
N ALA A 12 -18.28 -1.11 -4.91
CA ALA A 12 -17.53 0.10 -4.61
C ALA A 12 -16.02 -0.17 -4.47
N LEU A 13 -15.67 -1.16 -3.67
CA LEU A 13 -14.26 -1.47 -3.44
C LEU A 13 -13.62 -1.97 -4.75
N SER A 14 -14.39 -2.70 -5.58
CA SER A 14 -13.85 -3.17 -6.86
C SER A 14 -13.62 -2.04 -7.83
N LEU A 15 -14.52 -1.06 -7.84
CA LEU A 15 -14.31 0.19 -8.60
C LEU A 15 -13.04 0.90 -8.19
N ALA A 16 -12.76 0.99 -6.88
CA ALA A 16 -11.52 1.64 -6.41
C ALA A 16 -10.24 0.94 -6.88
N ARG A 17 -10.29 -0.40 -6.89
CA ARG A 17 -9.15 -1.22 -7.34
C ARG A 17 -8.93 -1.17 -8.86
N ALA A 18 -10.01 -1.25 -9.61
CA ALA A 18 -9.98 -1.00 -11.06
C ALA A 18 -9.35 0.35 -11.40
N VAL A 19 -9.76 1.39 -10.69
CA VAL A 19 -9.33 2.73 -11.06
C VAL A 19 -7.84 2.86 -10.76
N ALA A 20 -7.43 2.47 -9.55
CA ALA A 20 -6.04 2.53 -9.10
C ALA A 20 -5.11 1.63 -9.94
N GLY A 21 -5.65 0.54 -10.46
CA GLY A 21 -4.90 -0.38 -11.29
C GLY A 21 -4.94 -0.14 -12.77
N GLY A 22 -5.51 1.00 -13.16
CA GLY A 22 -5.59 1.39 -14.56
C GLY A 22 -6.47 0.51 -15.43
N ASP A 23 -7.36 -0.27 -14.83
CA ASP A 23 -8.16 -1.17 -15.62
C ASP A 23 -9.39 -0.33 -16.02
N GLU A 24 -9.25 0.31 -17.18
CA GLU A 24 -10.31 1.15 -17.74
C GLU A 24 -11.64 0.42 -17.94
N GLN A 25 -11.63 -0.77 -18.56
CA GLN A 25 -12.92 -1.48 -18.82
C GLN A 25 -13.61 -1.92 -17.53
N ALA A 26 -12.85 -2.28 -16.49
CA ALA A 26 -13.46 -2.72 -15.23
C ALA A 26 -13.97 -1.48 -14.46
N ALA A 27 -13.22 -0.40 -14.49
CA ALA A 27 -13.70 0.85 -13.90
C ALA A 27 -15.05 1.24 -14.50
N ILE A 28 -15.21 1.04 -15.82
CA ILE A 28 -16.47 1.34 -16.51
C ILE A 28 -17.58 0.41 -16.03
N LYS A 29 -17.28 -0.87 -15.91
CA LYS A 29 -18.27 -1.82 -15.47
C LYS A 29 -18.85 -1.55 -14.07
N TYR A 30 -17.97 -1.30 -13.10
CA TYR A 30 -18.41 -1.11 -11.73
C TYR A 30 -19.09 0.25 -11.58
N ALA A 31 -18.55 1.30 -12.20
CA ALA A 31 -19.21 2.60 -12.20
C ALA A 31 -20.61 2.52 -12.79
N THR A 32 -20.75 1.69 -13.82
CA THR A 32 -21.97 1.52 -14.59
C THR A 32 -22.98 0.81 -13.72
N TRP A 33 -22.60 -0.30 -13.14
CA TRP A 33 -23.47 -1.05 -12.23
C TRP A 33 -23.95 -0.21 -11.03
N LEU A 34 -23.06 0.66 -10.52
CA LEU A 34 -23.36 1.51 -9.34
C LEU A 34 -24.27 2.70 -9.69
N ALA A 35 -23.95 3.38 -10.79
CA ALA A 35 -24.79 4.45 -11.32
C ALA A 35 -26.18 3.93 -11.63
N GLU A 36 -26.25 2.73 -12.20
CA GLU A 36 -27.57 2.22 -12.58
C GLU A 36 -28.45 1.90 -11.35
N GLN A 37 -27.82 1.51 -10.24
CA GLN A 37 -28.50 1.36 -8.94
C GLN A 37 -28.65 2.66 -8.12
N ARG A 38 -28.35 3.81 -8.73
CA ARG A 38 -28.33 5.14 -8.06
C ARG A 38 -27.74 5.10 -6.62
N VAL A 39 -26.54 4.56 -6.48
CA VAL A 39 -25.95 4.35 -5.14
C VAL A 39 -25.25 5.61 -4.68
N PRO A 40 -25.63 6.10 -3.51
CA PRO A 40 -24.96 7.32 -3.06
C PRO A 40 -23.63 6.95 -2.42
N LEU A 41 -22.56 7.60 -2.88
CA LEU A 41 -21.19 7.25 -2.49
C LEU A 41 -20.39 8.48 -2.08
N ARG A 42 -19.47 8.29 -1.13
CA ARG A 42 -18.40 9.26 -0.86
C ARG A 42 -17.25 8.79 -1.74
N VAL A 43 -16.83 9.63 -2.68
CA VAL A 43 -15.70 9.36 -3.54
C VAL A 43 -14.70 10.47 -3.32
N GLN A 44 -13.51 10.10 -2.85
CA GLN A 44 -12.47 11.05 -2.54
C GLN A 44 -11.14 10.53 -2.99
N VAL A 45 -10.29 11.47 -3.33
CA VAL A 45 -8.91 11.22 -3.58
C VAL A 45 -8.26 10.90 -2.22
N LYS A 46 -7.47 9.82 -2.17
CA LYS A 46 -6.79 9.47 -0.93
C LYS A 46 -5.85 10.62 -0.56
N PRO A 47 -5.81 10.99 0.73
CA PRO A 47 -4.88 12.08 1.10
C PRO A 47 -3.42 11.74 0.80
N GLU A 48 -2.60 12.77 0.57
CA GLU A 48 -1.15 12.55 0.44
C GLU A 48 -0.64 12.05 1.80
N VAL A 49 0.35 11.17 1.70
CA VAL A 49 0.76 10.25 2.78
C VAL A 49 1.15 10.91 4.13
N SER A 50 1.22 10.08 5.17
CA SER A 50 1.74 10.51 6.47
C SER A 50 3.25 10.79 6.40
N PRO A 51 3.79 11.59 7.35
CA PRO A 51 5.25 11.74 7.44
C PRO A 51 6.11 10.45 7.72
N THR A 52 5.50 9.27 7.94
CA THR A 52 6.25 7.99 8.02
C THR A 52 6.00 7.11 6.79
N GLN A 53 5.89 7.74 5.62
CA GLN A 53 5.59 7.03 4.38
C GLN A 53 6.37 7.57 3.17
N ASP A 54 6.62 6.65 2.22
CA ASP A 54 7.50 6.91 1.10
C ASP A 54 6.88 7.93 0.15
N ILE A 55 7.67 8.95 -0.20
CA ILE A 55 7.35 9.92 -1.23
C ILE A 55 8.54 10.08 -2.17
N ARG A 56 8.30 10.59 -3.38
CA ARG A 56 9.37 10.85 -4.36
C ARG A 56 9.85 12.29 -4.30
N LEU A 57 11.14 12.49 -4.06
CA LEU A 57 11.73 13.83 -3.92
C LEU A 57 12.47 14.21 -5.20
N CYS A 58 12.14 15.36 -5.77
CA CYS A 58 12.83 15.85 -6.94
C CYS A 58 14.07 16.64 -6.53
N VAL A 59 15.23 16.00 -6.67
CA VAL A 59 16.50 16.56 -6.27
C VAL A 59 17.18 17.17 -7.47
N SER A 60 17.46 18.47 -7.42
CA SER A 60 18.41 19.11 -8.30
C SER A 60 19.83 18.89 -7.76
N VAL A 61 20.72 18.36 -8.59
CA VAL A 61 22.06 18.06 -8.21
C VAL A 61 22.97 18.95 -9.02
N GLU A 62 23.89 19.63 -8.35
CA GLU A 62 24.99 20.31 -8.99
C GLU A 62 26.27 19.86 -8.30
N ASP A 63 27.35 19.83 -9.06
CA ASP A 63 28.65 19.50 -8.50
C ASP A 63 29.66 20.66 -8.61
N ALA A 64 30.85 20.44 -8.09
CA ALA A 64 31.91 21.45 -8.05
C ALA A 64 32.57 21.71 -9.37
N TYR A 65 31.98 21.24 -10.48
CA TYR A 65 32.59 21.37 -11.82
C TYR A 65 31.55 21.93 -12.80
N MET A 66 30.55 22.60 -12.22
CA MET A 66 29.36 23.19 -12.89
C MET A 66 28.25 22.23 -13.39
N HIS A 67 28.46 20.91 -13.28
CA HIS A 67 27.52 19.93 -13.86
C HIS A 67 26.26 19.81 -13.03
N THR A 68 25.13 19.69 -13.71
CA THR A 68 23.82 19.60 -13.05
C THR A 68 23.06 18.45 -13.66
N VAL A 69 22.12 17.92 -12.88
CA VAL A 69 21.26 16.85 -13.31
C VAL A 69 20.13 16.75 -12.29
N THR A 70 18.94 16.31 -12.73
CA THR A 70 17.79 16.05 -11.82
C THR A 70 17.64 14.53 -11.64
N ILE A 71 17.59 14.07 -10.38
CA ILE A 71 17.31 12.69 -10.01
C ILE A 71 16.17 12.67 -9.01
N TRP A 72 15.60 11.49 -8.85
CA TRP A 72 14.46 11.26 -7.99
C TRP A 72 14.80 10.29 -6.90
N LEU A 73 14.71 10.72 -5.64
CA LEU A 73 14.89 9.83 -4.50
C LEU A 73 13.56 9.46 -3.84
N THR A 74 13.59 8.36 -3.12
CA THR A 74 12.46 7.89 -2.36
C THR A 74 12.80 8.17 -0.93
N VAL A 75 12.01 9.05 -0.30
CA VAL A 75 12.24 9.44 1.08
C VAL A 75 10.95 9.31 1.88
N ARG A 76 11.10 9.39 3.19
CA ARG A 76 10.01 9.54 4.15
C ARG A 76 10.27 10.94 4.77
N PRO A 77 9.25 11.81 4.89
CA PRO A 77 9.52 13.16 5.39
C PRO A 77 10.04 13.25 6.81
N ASP A 78 9.74 12.28 7.68
CA ASP A 78 10.27 12.26 9.05
C ASP A 78 11.75 11.86 9.16
N MET A 79 12.37 11.45 8.03
CA MET A 79 13.77 11.04 8.05
C MET A 79 14.65 12.27 8.15
N THR A 80 15.79 12.09 8.79
CA THR A 80 16.74 13.17 9.01
C THR A 80 17.64 13.34 7.77
N VAL A 81 18.22 14.53 7.61
CA VAL A 81 19.26 14.81 6.58
C VAL A 81 20.47 13.87 6.66
N ALA A 82 20.86 13.48 7.87
CA ALA A 82 21.95 12.51 8.05
C ALA A 82 21.56 11.14 7.52
N SER A 83 20.28 10.81 7.63
CA SER A 83 19.75 9.54 7.11
C SER A 83 19.65 9.61 5.56
N LEU A 84 19.35 10.81 5.07
CA LEU A 84 19.33 11.07 3.65
C LEU A 84 20.75 10.90 3.06
N LYS A 85 21.72 11.56 3.67
CA LYS A 85 23.10 11.47 3.31
C LYS A 85 23.63 10.02 3.18
N ASP A 86 23.22 9.19 4.14
CA ASP A 86 23.63 7.80 4.20
C ASP A 86 22.99 6.99 3.07
N MET A 87 21.71 7.25 2.81
CA MET A 87 20.97 6.66 1.71
C MET A 87 21.70 6.93 0.38
N VAL A 88 22.05 8.19 0.15
CA VAL A 88 22.77 8.57 -1.08
C VAL A 88 24.22 8.05 -1.12
N PHE A 89 24.85 7.91 0.04
CA PHE A 89 26.11 7.23 0.14
C PHE A 89 26.02 5.72 -0.18
N LEU A 90 25.03 5.04 0.39
CA LEU A 90 24.84 3.61 0.18
C LEU A 90 24.50 3.30 -1.24
N ASP A 91 23.67 4.14 -1.84
CA ASP A 91 23.17 3.87 -3.15
C ASP A 91 24.17 4.19 -4.25
N TYR A 92 24.80 5.37 -4.16
CA TYR A 92 25.64 5.91 -5.23
C TYR A 92 27.05 6.30 -4.84
N GLY A 93 27.44 6.11 -3.57
CA GLY A 93 28.84 6.31 -3.18
C GLY A 93 29.35 7.72 -2.88
N PHE A 94 28.48 8.76 -2.90
CA PHE A 94 28.91 10.14 -2.51
C PHE A 94 28.98 10.22 -0.99
N PRO A 95 30.18 10.47 -0.46
CA PRO A 95 30.23 10.39 1.03
C PRO A 95 29.42 11.53 1.74
N PRO A 96 28.87 11.25 2.96
CA PRO A 96 28.11 12.28 3.68
C PRO A 96 28.87 13.59 3.73
N SER A 97 30.14 13.53 4.09
CA SER A 97 31.08 14.68 4.06
C SER A 97 31.03 15.59 2.82
N LEU A 98 30.71 15.06 1.64
CA LEU A 98 30.68 15.88 0.42
C LEU A 98 29.29 16.28 -0.08
N GLN A 99 28.26 15.83 0.64
CA GLN A 99 26.87 16.20 0.41
C GLN A 99 26.51 17.44 1.22
N GLN A 100 26.03 18.47 0.53
CA GLN A 100 25.52 19.68 1.14
C GLN A 100 24.14 19.86 0.64
N TRP A 101 23.16 19.66 1.52
CA TRP A 101 21.76 19.77 1.19
C TRP A 101 21.24 21.20 1.48
N VAL A 102 20.45 21.71 0.53
CA VAL A 102 19.87 23.04 0.62
C VAL A 102 18.38 22.96 0.25
N VAL A 103 17.53 23.52 1.09
CA VAL A 103 16.14 23.74 0.70
C VAL A 103 15.67 25.05 1.36
N GLY A 104 15.11 25.92 0.50
CA GLY A 104 15.08 27.37 0.72
C GLY A 104 16.34 27.93 0.09
N GLN A 105 16.95 28.92 0.75
CA GLN A 105 18.33 29.32 0.45
C GLN A 105 19.22 28.78 1.57
N ARG A 106 18.69 27.78 2.27
CA ARG A 106 19.08 27.48 3.64
C ARG A 106 19.75 26.11 3.71
N LEU A 107 21.04 26.07 4.06
CA LEU A 107 21.77 24.81 4.27
C LEU A 107 21.15 24.02 5.41
N ALA A 108 20.55 22.88 5.08
CA ALA A 108 19.96 21.96 6.06
C ALA A 108 21.05 21.30 6.90
N ARG A 109 20.68 20.88 8.10
CA ARG A 109 21.64 20.28 9.04
C ARG A 109 21.27 18.84 9.31
N ASP A 110 22.29 18.05 9.67
CA ASP A 110 22.18 16.60 9.91
C ASP A 110 21.03 16.22 10.80
N GLN A 111 20.76 17.02 11.85
CA GLN A 111 19.65 16.72 12.82
C GLN A 111 18.22 17.02 12.27
N GLU A 112 18.09 17.95 11.34
CA GLU A 112 16.76 18.42 10.90
C GLU A 112 16.06 17.38 10.02
N THR A 113 14.77 17.17 10.25
CA THR A 113 13.96 16.32 9.38
C THR A 113 13.71 17.03 8.04
N LEU A 114 13.33 16.23 7.06
CA LEU A 114 12.89 16.73 5.78
C LEU A 114 11.58 17.47 5.99
N HIS A 115 10.70 16.87 6.80
CA HIS A 115 9.42 17.47 7.20
C HIS A 115 9.63 18.87 7.71
N SER A 116 10.55 19.01 8.68
CA SER A 116 11.03 20.31 9.18
C SER A 116 11.22 21.36 8.07
N HIS A 117 11.56 20.94 6.86
CA HIS A 117 11.94 21.90 5.81
C HIS A 117 10.90 22.14 4.69
N GLY A 118 9.69 21.59 4.82
CA GLY A 118 8.63 21.82 3.84
C GLY A 118 8.34 20.63 2.95
N ILE A 119 9.26 19.67 2.93
CA ILE A 119 9.11 18.45 2.13
C ILE A 119 8.06 17.56 2.80
N ARG A 120 6.96 17.31 2.11
CA ARG A 120 5.84 16.50 2.66
C ARG A 120 5.10 15.58 1.65
N ARG A 121 5.02 16.00 0.38
CA ARG A 121 4.33 15.24 -0.70
C ARG A 121 5.30 14.83 -1.81
N ASN A 122 4.90 13.83 -2.60
CA ASN A 122 5.50 13.55 -3.94
C ASN A 122 5.65 14.82 -4.74
N GLY A 123 6.80 14.97 -5.40
CA GLY A 123 7.02 16.12 -6.32
C GLY A 123 7.75 17.29 -5.70
N ASP A 124 7.85 17.32 -4.36
CA ASP A 124 8.58 18.37 -3.65
C ASP A 124 10.07 18.30 -3.99
N GLY A 125 10.80 19.36 -3.66
CA GLY A 125 12.09 19.63 -4.26
C GLY A 125 13.19 19.81 -3.23
N ALA A 126 14.42 19.50 -3.64
CA ALA A 126 15.61 19.85 -2.88
C ALA A 126 16.78 19.93 -3.82
N TYR A 127 17.84 20.50 -3.31
CA TYR A 127 19.03 20.79 -4.05
C TYR A 127 20.15 20.08 -3.29
N LEU A 128 20.90 19.24 -4.01
CA LEU A 128 22.08 18.57 -3.48
C LEU A 128 23.23 19.19 -4.17
N TYR A 129 24.17 19.74 -3.40
CA TYR A 129 25.43 20.25 -3.92
C TYR A 129 26.52 19.23 -3.59
N LEU A 130 27.31 18.84 -4.60
CA LEU A 130 28.33 17.78 -4.36
C LEU A 130 29.66 18.41 -4.42
N LEU A 131 30.40 18.23 -3.35
CA LEU A 131 31.70 18.86 -3.23
C LEU A 131 32.75 17.95 -3.83
N SER A 132 33.75 18.56 -4.44
CA SER A 132 34.97 17.87 -4.81
C SER A 132 35.72 17.41 -3.59
N ALA A 133 36.40 16.28 -3.74
CA ALA A 133 37.41 15.76 -2.80
C ALA A 133 38.60 16.70 -2.68
N ARG A 134 38.78 17.61 -3.62
CA ARG A 134 39.85 18.59 -3.50
C ARG A 134 39.43 19.89 -2.78
N ASN A 135 38.12 20.15 -2.62
CA ASN A 135 37.64 21.31 -1.80
C ASN A 135 38.16 21.20 -0.36
N THR A 136 38.73 22.30 0.11
CA THR A 136 39.77 22.31 1.15
C THR A 136 39.24 22.15 2.58
N GLY B 1 -26.29 -15.21 20.68
CA GLY B 1 -26.77 -16.49 20.05
C GLY B 1 -25.89 -16.89 18.87
N ARG B 2 -26.03 -16.13 17.77
CA ARG B 2 -25.06 -16.14 16.68
C ARG B 2 -23.72 -15.56 17.16
N GLN B 3 -23.74 -14.79 18.25
CA GLN B 3 -22.52 -14.30 18.89
C GLN B 3 -21.59 -15.44 19.34
N ASP B 4 -22.23 -16.52 19.82
CA ASP B 4 -21.51 -17.70 20.28
C ASP B 4 -20.76 -18.34 19.15
N LYS B 5 -21.43 -18.48 18.01
CA LYS B 5 -20.86 -19.10 16.83
C LYS B 5 -19.68 -18.27 16.26
N MET B 6 -19.87 -16.95 16.14
CA MET B 6 -18.79 -16.00 15.76
C MET B 6 -17.55 -16.12 16.65
N ARG B 7 -17.75 -16.37 17.94
CA ARG B 7 -16.63 -16.51 18.87
C ARG B 7 -15.93 -17.81 18.61
N LYS B 8 -16.68 -18.89 18.45
CA LYS B 8 -16.12 -20.21 18.13
C LYS B 8 -15.33 -20.13 16.83
N GLU B 9 -15.97 -19.59 15.78
CA GLU B 9 -15.35 -19.58 14.43
C GLU B 9 -14.05 -18.81 14.45
N GLY B 10 -14.08 -17.67 15.14
CA GLY B 10 -12.92 -16.86 15.34
C GLY B 10 -11.78 -17.57 16.02
N LEU B 11 -12.07 -18.20 17.15
CA LEU B 11 -11.09 -19.00 17.87
C LEU B 11 -10.48 -20.10 17.00
N GLN B 12 -11.33 -20.76 16.22
CA GLN B 12 -10.89 -21.85 15.38
C GLN B 12 -9.83 -21.28 14.43
N LEU B 13 -10.07 -20.11 13.87
CA LEU B 13 -9.10 -19.56 12.92
C LEU B 13 -7.87 -18.98 13.66
N VAL B 14 -8.08 -18.29 14.78
CA VAL B 14 -6.94 -17.79 15.54
C VAL B 14 -5.96 -18.94 15.85
N SER B 15 -6.49 -20.11 16.12
CA SER B 15 -5.70 -21.29 16.42
C SER B 15 -4.73 -21.64 15.32
N MET B 16 -5.18 -21.62 14.10
CA MET B 16 -4.31 -21.95 12.97
C MET B 16 -3.34 -20.84 12.68
N ILE B 17 -3.77 -19.59 12.87
CA ILE B 17 -2.88 -18.44 12.75
C ILE B 17 -1.72 -18.61 13.73
N GLN B 18 -2.07 -19.03 14.95
CA GLN B 18 -1.13 -19.20 16.06
C GLN B 18 -0.07 -20.24 15.72
N GLU B 19 -0.51 -21.45 15.33
CA GLU B 19 0.38 -22.50 14.80
C GLU B 19 1.25 -21.99 13.66
N GLY B 20 0.63 -21.34 12.68
CA GLY B 20 1.37 -20.74 11.58
C GLY B 20 2.52 -19.81 11.99
N GLU B 21 2.24 -18.81 12.83
CA GLU B 21 3.28 -17.85 13.19
C GLU B 21 4.51 -18.49 13.84
N THR B 22 4.27 -19.49 14.70
CA THR B 22 5.34 -20.17 15.41
C THR B 22 6.13 -21.02 14.42
N ALA B 23 5.54 -21.41 13.29
CA ALA B 23 6.32 -22.06 12.19
C ALA B 23 6.81 -21.11 11.10
N GLY B 24 6.70 -19.80 11.29
CA GLY B 24 7.18 -18.81 10.30
C GLY B 24 6.21 -18.40 9.20
N ALA B 25 4.95 -18.81 9.28
CA ALA B 25 3.92 -18.38 8.31
C ALA B 25 3.13 -17.19 8.87
N SER B 26 3.03 -16.14 8.05
CA SER B 26 2.18 -14.99 8.34
C SER B 26 0.68 -15.37 8.35
N PRO B 27 -0.13 -14.58 9.05
CA PRO B 27 -1.54 -14.94 9.04
C PRO B 27 -2.25 -14.89 7.66
N GLU B 28 -1.79 -14.03 6.76
CA GLU B 28 -2.36 -13.97 5.42
C GLU B 28 -1.95 -15.20 4.54
N GLU B 29 -0.77 -15.78 4.76
CA GLU B 29 -0.41 -17.12 4.21
C GLU B 29 -1.29 -18.26 4.67
N VAL B 30 -1.52 -18.33 5.98
CA VAL B 30 -2.33 -19.39 6.52
C VAL B 30 -3.73 -19.23 5.95
N PHE B 31 -4.31 -18.04 6.05
CA PHE B 31 -5.69 -17.85 5.62
C PHE B 31 -5.88 -18.03 4.09
N SER B 32 -4.93 -17.54 3.31
CA SER B 32 -4.92 -17.68 1.86
C SER B 32 -4.93 -19.13 1.43
N ALA B 33 -4.15 -19.94 2.16
CA ALA B 33 -4.13 -21.38 1.99
C ALA B 33 -5.48 -22.01 2.29
N LEU B 34 -6.06 -21.67 3.45
CA LEU B 34 -7.37 -22.13 3.87
C LEU B 34 -8.44 -21.82 2.83
N GLN B 35 -8.48 -20.58 2.36
CA GLN B 35 -9.50 -20.16 1.38
C GLN B 35 -9.39 -20.86 0.02
N TYR B 36 -8.16 -20.96 -0.51
CA TYR B 36 -7.91 -21.62 -1.79
C TYR B 36 -8.17 -23.14 -1.82
N SER B 37 -7.68 -23.86 -0.81
CA SER B 37 -7.63 -25.30 -0.83
C SER B 37 -8.58 -26.01 0.12
N GLY B 38 -9.08 -25.32 1.13
CA GLY B 38 -9.80 -25.96 2.21
C GLY B 38 -8.96 -26.94 3.07
N THR B 39 -7.65 -26.98 2.88
CA THR B 39 -6.75 -27.85 3.68
C THR B 39 -6.94 -27.73 5.21
N GLU B 40 -6.84 -28.87 5.90
CA GLU B 40 -6.87 -28.93 7.38
C GLU B 40 -5.48 -28.70 7.98
N VAL B 41 -4.47 -28.71 7.12
CA VAL B 41 -3.05 -28.65 7.47
C VAL B 41 -2.40 -27.55 6.62
N PRO B 42 -2.68 -26.29 6.94
CA PRO B 42 -2.18 -25.18 6.10
C PRO B 42 -0.66 -25.10 5.95
N LEU B 43 0.10 -25.42 7.00
CA LEU B 43 1.55 -25.38 6.90
C LEU B 43 2.07 -26.32 5.85
N GLN B 44 1.54 -27.54 5.84
CA GLN B 44 1.94 -28.53 4.83
C GLN B 44 1.63 -28.03 3.45
N TRP B 45 0.41 -27.55 3.23
CA TRP B 45 0.01 -27.03 1.92
C TRP B 45 0.94 -25.93 1.43
N LEU B 46 1.30 -24.99 2.31
CA LEU B 46 2.20 -23.91 1.92
C LEU B 46 3.54 -24.43 1.47
N ARG B 47 4.22 -25.25 2.28
CA ARG B 47 5.50 -25.96 1.85
C ARG B 47 5.46 -26.66 0.50
N SER B 48 4.40 -27.42 0.25
CA SER B 48 4.34 -28.30 -0.93
C SER B 48 3.62 -27.71 -2.17
N GLU B 49 2.59 -26.88 -1.98
CA GLU B 49 1.73 -26.41 -3.08
C GLU B 49 1.88 -24.97 -3.52
N LEU B 50 2.35 -24.08 -2.63
CA LEU B 50 2.31 -22.63 -2.88
C LEU B 50 3.01 -22.21 -4.18
N SER B 51 4.24 -22.67 -4.34
CA SER B 51 5.05 -22.31 -5.49
C SER B 51 4.40 -22.66 -6.83
N TYR B 52 3.53 -23.67 -6.88
CA TYR B 52 2.85 -24.02 -8.13
C TYR B 52 1.77 -23.00 -8.41
N VAL B 53 1.06 -22.59 -7.36
CA VAL B 53 0.06 -21.52 -7.47
C VAL B 53 0.70 -20.20 -7.86
N LEU B 54 1.80 -19.80 -7.23
CA LEU B 54 2.47 -18.50 -7.57
C LEU B 54 3.01 -18.50 -8.97
N GLU B 55 3.52 -19.66 -9.40
CA GLU B 55 3.96 -19.88 -10.78
C GLU B 55 2.80 -19.59 -11.75
N MET B 56 1.59 -20.03 -11.41
CA MET B 56 0.40 -19.86 -12.24
C MET B 56 -0.04 -18.41 -12.28
N VAL B 57 0.02 -17.76 -11.12
CA VAL B 57 -0.35 -16.33 -11.00
C VAL B 57 0.50 -15.47 -11.95
N ALA B 58 1.81 -15.74 -12.01
CA ALA B 58 2.76 -15.00 -12.88
C ALA B 58 2.55 -15.22 -14.36
N GLU B 59 2.34 -16.46 -14.76
CA GLU B 59 2.04 -16.76 -16.19
C GLU B 59 0.71 -16.16 -16.63
N LEU B 60 -0.33 -16.29 -15.82
CA LEU B 60 -1.64 -15.67 -16.15
C LEU B 60 -1.55 -14.15 -16.15
N ALA B 61 -0.81 -13.59 -15.20
CA ALA B 61 -0.53 -12.15 -15.30
C ALA B 61 0.08 -11.75 -16.67
N GLY B 62 1.16 -12.46 -17.08
CA GLY B 62 1.79 -12.24 -18.40
C GLY B 62 0.85 -12.40 -19.59
N GLN B 63 -0.06 -13.37 -19.51
CA GLN B 63 -1.09 -13.54 -20.51
C GLN B 63 -2.13 -12.42 -20.56
N GLN B 64 -2.52 -11.90 -19.41
CA GLN B 64 -3.61 -10.92 -19.36
C GLN B 64 -3.17 -9.58 -19.87
N ASP B 65 -1.95 -9.16 -19.58
CA ASP B 65 -1.40 -7.97 -20.23
C ASP B 65 0.04 -8.30 -20.64
N PRO B 66 0.24 -8.75 -21.89
CA PRO B 66 1.59 -9.09 -22.36
C PRO B 66 2.51 -7.88 -22.69
N GLU B 67 1.96 -6.66 -22.68
CA GLU B 67 2.76 -5.42 -22.72
C GLU B 67 3.63 -5.19 -21.45
N LEU B 68 3.33 -5.87 -20.33
CA LEU B 68 3.87 -5.50 -19.03
C LEU B 68 5.11 -6.27 -18.61
N GLY B 69 5.64 -7.06 -19.52
CA GLY B 69 6.85 -7.77 -19.21
C GLY B 69 6.49 -8.94 -18.34
N ALA B 70 7.51 -9.43 -17.66
CA ALA B 70 7.43 -10.70 -16.98
C ALA B 70 7.28 -10.39 -15.51
N PHE B 71 6.43 -11.17 -14.86
CA PHE B 71 6.12 -11.03 -13.45
C PHE B 71 6.99 -11.94 -12.59
N SER B 72 7.44 -11.38 -11.47
CA SER B 72 8.25 -12.08 -10.49
C SER B 72 7.38 -12.76 -9.46
N CYS B 73 7.96 -13.75 -8.78
CA CYS B 73 7.31 -14.51 -7.70
C CYS B 73 6.98 -13.56 -6.58
N GLN B 74 7.83 -12.59 -6.29
CA GLN B 74 7.55 -11.65 -5.18
C GLN B 74 6.27 -10.86 -5.52
N GLU B 75 6.08 -10.47 -6.77
CA GLU B 75 4.83 -9.80 -7.19
C GLU B 75 3.59 -10.70 -7.21
N ALA B 76 3.77 -11.97 -7.58
CA ALA B 76 2.67 -12.92 -7.60
C ALA B 76 2.20 -13.16 -6.19
N ARG B 77 3.17 -13.34 -5.27
CA ARG B 77 2.94 -13.66 -3.87
C ARG B 77 2.19 -12.54 -3.21
N LYS B 78 2.69 -11.33 -3.41
CA LYS B 78 2.11 -10.15 -2.79
C LYS B 78 0.62 -10.04 -3.20
N ALA B 79 0.33 -10.27 -4.49
CA ALA B 79 -1.05 -10.22 -5.01
C ALA B 79 -1.93 -11.36 -4.48
N TRP B 80 -1.46 -12.59 -4.61
CA TRP B 80 -2.08 -13.75 -3.98
C TRP B 80 -2.48 -13.46 -2.53
N LEU B 81 -1.57 -12.93 -1.78
CA LEU B 81 -1.79 -12.69 -0.37
C LEU B 81 -2.64 -11.48 -0.05
N ASP B 82 -2.60 -10.42 -0.84
CA ASP B 82 -3.47 -9.27 -0.54
C ASP B 82 -4.93 -9.58 -0.86
N ARG B 83 -5.17 -10.56 -1.75
CA ARG B 83 -6.49 -10.97 -2.08
C ARG B 83 -6.80 -12.30 -1.43
N HIS B 84 -6.08 -12.66 -0.39
CA HIS B 84 -6.47 -13.84 0.40
C HIS B 84 -6.72 -15.10 -0.39
N GLY B 85 -5.91 -15.36 -1.41
CA GLY B 85 -5.99 -16.62 -2.14
C GLY B 85 -7.08 -16.69 -3.21
N ASN B 86 -7.73 -15.56 -3.51
CA ASN B 86 -8.64 -15.54 -4.66
C ASN B 86 -7.81 -15.44 -5.94
N LEU B 87 -7.75 -16.53 -6.73
CA LEU B 87 -6.89 -16.56 -7.92
C LEU B 87 -7.14 -15.43 -8.92
N ASP B 88 -8.40 -15.25 -9.31
CA ASP B 88 -8.74 -14.25 -10.33
C ASP B 88 -8.50 -12.82 -9.80
N GLU B 89 -8.72 -12.58 -8.53
CA GLU B 89 -8.37 -11.24 -8.02
C GLU B 89 -6.87 -11.00 -7.93
N ALA B 90 -6.14 -12.08 -7.68
CA ALA B 90 -4.72 -12.04 -7.44
C ALA B 90 -4.03 -11.74 -8.72
N VAL B 91 -4.55 -12.33 -9.79
CA VAL B 91 -4.09 -12.09 -11.13
C VAL B 91 -4.37 -10.66 -11.53
N GLU B 92 -5.57 -10.18 -11.22
CA GLU B 92 -5.99 -8.80 -11.52
C GLU B 92 -5.02 -7.84 -10.88
N GLU B 93 -4.78 -8.02 -9.57
CA GLU B 93 -3.89 -7.13 -8.81
C GLU B 93 -2.43 -7.27 -9.17
N CYS B 94 -1.98 -8.47 -9.53
CA CYS B 94 -0.56 -8.64 -9.93
C CYS B 94 -0.25 -7.75 -11.18
N VAL B 95 -1.15 -7.83 -12.14
CA VAL B 95 -1.19 -7.02 -13.35
C VAL B 95 -1.34 -5.54 -13.05
N ARG B 96 -2.29 -5.22 -12.18
CA ARG B 96 -2.56 -3.83 -11.81
C ARG B 96 -1.43 -3.18 -11.05
N ALA B 97 -0.90 -3.85 -10.06
CA ALA B 97 0.30 -3.37 -9.35
C ALA B 97 1.45 -3.03 -10.29
N ARG B 98 1.74 -3.90 -11.26
CA ARG B 98 2.84 -3.66 -12.17
C ARG B 98 2.54 -2.54 -13.17
N ARG B 99 1.33 -2.53 -13.74
CA ARG B 99 0.83 -1.41 -14.55
C ARG B 99 0.97 -0.07 -13.86
N ARG B 100 0.59 0.00 -12.60
CA ARG B 100 0.61 1.23 -11.84
C ARG B 100 2.06 1.69 -11.65
N LYS B 101 2.96 0.73 -11.46
CA LYS B 101 4.34 1.07 -11.20
C LYS B 101 5.05 1.52 -12.49
N VAL B 102 4.70 0.94 -13.62
CA VAL B 102 5.25 1.37 -14.90
C VAL B 102 4.79 2.77 -15.27
N HIS B 103 3.53 3.06 -14.97
CA HIS B 103 3.00 4.42 -15.13
C HIS B 103 3.76 5.41 -14.25
N GLU B 104 4.08 5.06 -13.01
CA GLU B 104 4.89 5.98 -12.21
C GLU B 104 6.32 6.15 -12.74
N LEU B 105 7.00 5.05 -13.02
CA LEU B 105 8.38 5.16 -13.47
C LEU B 105 8.46 5.97 -14.76
N GLN B 106 7.45 5.85 -15.60
CA GLN B 106 7.31 6.63 -16.83
C GLN B 106 7.24 8.13 -16.59
N SER B 107 6.43 8.52 -15.63
CA SER B 107 6.26 9.92 -15.29
C SER B 107 7.53 10.48 -14.62
N LEU B 108 8.31 9.61 -14.00
CA LEU B 108 9.58 9.99 -13.38
C LEU B 108 10.77 9.94 -14.32
N GLY B 109 10.55 9.84 -15.63
CA GLY B 109 11.64 9.67 -16.61
C GLY B 109 11.87 8.28 -17.24
N PHE B 110 11.38 7.21 -16.66
CA PHE B 110 11.81 5.86 -17.05
C PHE B 110 10.70 4.98 -17.53
N GLY B 111 10.51 4.96 -18.86
CA GLY B 111 9.51 4.11 -19.53
C GLY B 111 10.04 2.72 -19.87
N PRO B 112 9.20 1.87 -20.48
CA PRO B 112 9.63 0.55 -21.01
C PRO B 112 10.93 0.60 -21.82
N LYS B 113 11.02 1.55 -22.72
CA LYS B 113 12.19 1.64 -23.56
C LYS B 113 13.51 1.90 -22.79
N GLU B 114 13.48 2.50 -21.58
CA GLU B 114 14.73 2.76 -20.78
C GLU B 114 14.93 1.71 -19.68
N GLY B 115 14.15 0.63 -19.73
CA GLY B 115 14.41 -0.56 -18.93
C GLY B 115 13.56 -0.75 -17.68
N SER B 116 12.41 -0.08 -17.62
CA SER B 116 11.55 -0.16 -16.44
C SER B 116 11.00 -1.57 -16.18
N LEU B 117 10.60 -2.26 -17.25
CA LEU B 117 10.06 -3.63 -17.16
C LEU B 117 11.10 -4.58 -16.59
N GLN B 118 12.32 -4.49 -17.09
CA GLN B 118 13.42 -5.36 -16.64
C GLN B 118 13.79 -5.07 -15.19
N ALA B 119 13.87 -3.78 -14.81
CA ALA B 119 14.19 -3.37 -13.42
C ALA B 119 13.11 -3.69 -12.39
N LEU B 120 11.83 -3.61 -12.80
CA LEU B 120 10.75 -4.02 -11.93
C LEU B 120 10.80 -5.52 -11.68
N PHE B 121 10.97 -6.30 -12.73
CA PHE B 121 11.16 -7.76 -12.59
C PHE B 121 12.39 -8.08 -11.74
N GLN B 122 13.51 -7.45 -12.08
CA GLN B 122 14.78 -7.66 -11.36
C GLN B 122 14.66 -7.44 -9.85
N HIS B 123 13.80 -6.50 -9.40
CA HIS B 123 13.70 -6.17 -7.97
C HIS B 123 12.43 -6.55 -7.24
N GLY B 124 11.74 -7.60 -7.73
CA GLY B 124 10.49 -8.09 -7.14
C GLY B 124 9.33 -7.10 -7.07
N GLY B 125 9.27 -6.17 -8.02
CA GLY B 125 8.21 -5.15 -8.07
C GLY B 125 8.48 -3.94 -7.19
N ASP B 126 9.69 -3.81 -6.66
CA ASP B 126 10.00 -2.74 -5.72
C ASP B 126 10.37 -1.47 -6.50
N VAL B 127 9.42 -0.53 -6.55
CA VAL B 127 9.58 0.72 -7.28
C VAL B 127 10.81 1.50 -6.80
N ALA B 128 10.97 1.58 -5.48
CA ALA B 128 12.06 2.34 -4.88
C ALA B 128 13.39 1.81 -5.39
N ARG B 129 13.58 0.50 -5.30
CA ARG B 129 14.83 -0.14 -5.78
C ARG B 129 15.01 -0.11 -7.27
N ALA B 130 13.94 -0.21 -8.05
CA ALA B 130 14.08 -0.04 -9.52
C ALA B 130 14.56 1.39 -9.90
N LEU B 131 13.95 2.42 -9.30
CA LEU B 131 14.35 3.82 -9.54
C LEU B 131 15.83 4.11 -9.26
N THR B 132 16.31 3.61 -8.12
CA THR B 132 17.72 3.60 -7.76
C THR B 132 18.53 3.07 -8.94
N GLU B 133 18.27 1.82 -9.35
CA GLU B 133 19.09 1.13 -10.39
C GLU B 133 19.09 1.87 -11.75
N LEU B 134 17.93 2.32 -12.18
CA LEU B 134 17.74 3.08 -13.42
C LEU B 134 18.46 4.43 -13.50
N GLN B 135 18.77 5.02 -12.35
CA GLN B 135 19.46 6.32 -12.32
C GLN B 135 20.95 6.21 -12.01
N ARG B 136 21.43 5.00 -11.75
CA ARG B 136 22.84 4.80 -11.60
C ARG B 136 23.64 5.46 -12.71
N GLN B 137 23.29 5.20 -13.96
CA GLN B 137 24.04 5.80 -15.08
C GLN B 137 24.07 7.33 -15.06
N ARG B 138 23.00 7.95 -14.57
CA ARG B 138 22.97 9.38 -14.49
C ARG B 138 24.02 9.90 -13.48
N LEU B 139 24.27 9.19 -12.37
CA LEU B 139 25.18 9.71 -11.31
C LEU B 139 26.62 9.26 -11.46
N GLU B 140 26.88 8.27 -12.29
CA GLU B 140 28.25 7.81 -12.51
C GLU B 140 29.24 8.90 -12.88
N PRO B 141 28.91 9.74 -13.85
CA PRO B 141 29.88 10.79 -14.18
C PRO B 141 30.10 11.80 -13.04
N PHE B 142 29.12 11.99 -12.16
CA PHE B 142 29.32 12.82 -10.96
C PHE B 142 30.27 12.11 -10.03
N HIS B 143 30.12 10.80 -9.94
CA HIS B 143 31.10 10.06 -9.14
C HIS B 143 32.50 10.14 -9.73
N GLN B 144 32.59 10.05 -11.05
CA GLN B 144 33.91 9.94 -11.68
C GLN B 144 34.68 11.28 -11.66
N ARG B 145 34.00 12.41 -11.55
CA ARG B 145 34.64 13.76 -11.53
C ARG B 145 35.21 14.23 -10.16
N LEU B 146 34.90 13.54 -9.09
CA LEU B 146 35.12 14.09 -7.76
C LEU B 146 36.54 14.56 -7.45
N TRP B 147 37.53 14.01 -8.11
CA TRP B 147 38.93 14.25 -7.81
C TRP B 147 39.59 15.01 -8.95
N ASP B 148 38.81 15.63 -9.84
CA ASP B 148 39.37 16.37 -10.98
C ASP B 148 40.06 17.66 -10.51
N ARG B 149 41.11 18.05 -11.24
CA ARG B 149 41.85 19.32 -11.03
C ARG B 149 40.90 20.48 -11.05
N ASP B 150 41.11 21.42 -10.12
CA ASP B 150 40.53 22.76 -10.22
C ASP B 150 39.03 22.84 -10.04
N PRO B 151 38.51 22.26 -8.94
CA PRO B 151 37.08 22.43 -8.75
C PRO B 151 36.75 23.88 -8.44
N GLU B 152 35.47 24.23 -8.56
CA GLU B 152 34.95 25.50 -8.09
C GLU B 152 35.04 25.56 -6.55
N PRO B 153 35.10 26.79 -5.98
CA PRO B 153 35.24 26.87 -4.51
C PRO B 153 34.00 26.59 -3.66
N THR B 154 34.21 26.04 -2.48
CA THR B 154 33.13 25.65 -1.59
C THR B 154 32.09 26.75 -1.36
N PRO B 155 30.88 26.63 -1.91
CA PRO B 155 29.90 27.70 -1.61
C PRO B 155 29.53 27.81 -0.11
N CYS B 156 29.10 29.02 0.30
CA CYS B 156 28.57 29.32 1.64
C CYS B 156 27.11 29.70 1.47
N TRP B 157 26.26 29.44 2.48
CA TRP B 157 24.79 29.54 2.35
C TRP B 157 24.15 30.53 3.33
N LYS C 15 -8.53 16.18 -10.53
CA LYS C 15 -8.56 14.86 -9.82
C LYS C 15 -9.70 14.85 -8.82
N GLU C 16 -9.62 15.79 -7.90
CA GLU C 16 -10.57 15.86 -6.81
C GLU C 16 -11.93 16.31 -7.30
N GLU C 17 -11.97 17.06 -8.40
CA GLU C 17 -13.26 17.39 -9.03
C GLU C 17 -13.81 16.23 -9.83
N LEU C 18 -12.94 15.45 -10.48
CA LEU C 18 -13.38 14.25 -11.22
C LEU C 18 -14.02 13.22 -10.26
N ALA C 19 -13.47 13.17 -9.07
CA ALA C 19 -13.96 12.33 -7.97
C ALA C 19 -15.41 12.73 -7.59
N THR C 20 -15.61 14.00 -7.20
CA THR C 20 -16.93 14.60 -7.01
C THR C 20 -17.85 14.27 -8.18
N ARG C 21 -17.34 14.51 -9.40
CA ARG C 21 -18.17 14.29 -10.58
C ARG C 21 -18.51 12.82 -10.71
N LEU C 22 -17.63 11.94 -10.24
CA LEU C 22 -17.91 10.53 -10.29
C LEU C 22 -19.10 10.16 -9.42
N SER C 23 -19.11 10.58 -8.16
CA SER C 23 -20.20 10.22 -7.25
C SER C 23 -21.48 10.92 -7.61
N GLN C 24 -21.38 12.17 -8.06
CA GLN C 24 -22.56 12.85 -8.66
C GLN C 24 -23.17 12.06 -9.80
N ALA C 25 -22.34 11.57 -10.72
CA ALA C 25 -22.85 10.78 -11.83
C ALA C 25 -23.50 9.46 -11.41
N ILE C 26 -22.99 8.82 -10.37
CA ILE C 26 -23.53 7.54 -9.90
C ILE C 26 -24.81 7.77 -9.11
N ALA C 27 -24.76 8.72 -8.16
CA ALA C 27 -25.97 9.18 -7.45
C ALA C 27 -27.00 9.77 -8.44
N GLY C 28 -26.53 10.30 -9.56
CA GLY C 28 -27.39 10.81 -10.61
C GLY C 28 -28.18 9.78 -11.39
N GLY C 29 -27.75 8.52 -11.44
CA GLY C 29 -28.36 7.49 -12.32
C GLY C 29 -27.79 7.48 -13.74
N ASP C 30 -26.81 8.36 -13.95
CA ASP C 30 -26.23 8.69 -15.23
C ASP C 30 -24.97 7.83 -15.50
N GLU C 31 -25.17 6.75 -16.24
CA GLU C 31 -24.19 5.69 -16.41
C GLU C 31 -23.05 6.14 -17.33
N LYS C 32 -23.43 6.65 -18.50
CA LYS C 32 -22.47 7.23 -19.46
C LYS C 32 -21.55 8.27 -18.83
N ALA C 33 -22.08 9.15 -17.98
CA ALA C 33 -21.20 10.14 -17.33
C ALA C 33 -20.28 9.45 -16.30
N ALA C 34 -20.82 8.42 -15.64
CA ALA C 34 -20.00 7.62 -14.73
C ALA C 34 -18.88 6.91 -15.50
N ALA C 35 -19.19 6.30 -16.65
CA ALA C 35 -18.15 5.67 -17.51
C ALA C 35 -17.08 6.62 -18.05
N GLN C 36 -17.46 7.76 -18.59
CA GLN C 36 -16.45 8.70 -19.03
C GLN C 36 -15.53 9.16 -17.88
N VAL C 37 -16.09 9.45 -16.70
CA VAL C 37 -15.23 9.91 -15.60
C VAL C 37 -14.41 8.76 -14.93
N ALA C 38 -15.00 7.56 -14.79
CA ALA C 38 -14.31 6.40 -14.20
C ALA C 38 -13.11 5.93 -15.09
N ALA C 39 -13.31 5.97 -16.40
CA ALA C 39 -12.25 5.69 -17.37
C ALA C 39 -11.11 6.68 -17.31
N VAL C 40 -11.42 7.98 -17.18
CA VAL C 40 -10.37 9.01 -17.10
C VAL C 40 -9.55 8.88 -15.81
N LEU C 41 -10.20 8.72 -14.67
CA LEU C 41 -9.49 8.48 -13.40
C LEU C 41 -8.60 7.21 -13.45
N ALA C 42 -9.09 6.17 -14.13
CA ALA C 42 -8.37 4.92 -14.32
C ALA C 42 -7.07 5.12 -15.13
N GLN C 43 -7.14 5.86 -16.24
CA GLN C 43 -5.96 6.09 -17.09
C GLN C 43 -4.85 6.77 -16.33
N HIS C 44 -5.26 7.64 -15.40
CA HIS C 44 -4.35 8.33 -14.47
C HIS C 44 -3.99 7.58 -13.16
N HIS C 45 -4.46 6.34 -12.97
CA HIS C 45 -4.17 5.57 -11.75
C HIS C 45 -4.50 6.33 -10.46
N VAL C 46 -5.64 7.02 -10.44
CA VAL C 46 -5.94 7.84 -9.25
C VAL C 46 -6.31 6.88 -8.11
N ALA C 47 -5.77 7.13 -6.93
CA ALA C 47 -6.09 6.32 -5.76
C ALA C 47 -7.30 6.93 -5.08
N LEU C 48 -8.42 6.19 -5.07
CA LEU C 48 -9.70 6.64 -4.48
C LEU C 48 -10.09 5.88 -3.23
N ASN C 49 -10.73 6.58 -2.29
CA ASN C 49 -11.63 5.98 -1.32
C ASN C 49 -13.06 6.08 -1.86
N VAL C 50 -13.70 4.94 -2.06
CA VAL C 50 -15.06 4.90 -2.49
C VAL C 50 -15.85 4.28 -1.35
N GLN C 51 -16.58 5.10 -0.60
CA GLN C 51 -17.41 4.59 0.50
C GLN C 51 -18.88 4.79 0.27
N LEU C 52 -19.63 3.81 0.77
CA LEU C 52 -21.09 3.90 0.93
C LEU C 52 -21.41 4.90 1.97
N MET C 53 -22.67 5.33 1.99
CA MET C 53 -23.12 6.25 3.01
C MET C 53 -23.11 5.49 4.33
N GLU C 54 -22.70 6.19 5.39
CA GLU C 54 -22.80 5.70 6.76
C GLU C 54 -24.24 5.27 7.04
N ALA C 55 -25.19 6.12 6.72
CA ALA C 55 -26.63 5.83 6.88
C ALA C 55 -27.12 4.46 6.32
N TRP C 56 -26.52 3.96 5.24
CA TRP C 56 -26.87 2.60 4.73
C TRP C 56 -26.50 1.43 5.65
N PHE C 57 -25.65 1.66 6.65
CA PHE C 57 -25.17 0.60 7.48
C PHE C 57 -26.05 0.41 8.73
N PRO C 58 -25.98 -0.78 9.37
CA PRO C 58 -26.58 -0.92 10.69
C PRO C 58 -26.02 0.13 11.64
N PRO C 59 -26.90 0.84 12.39
CA PRO C 59 -26.44 2.00 13.16
C PRO C 59 -25.49 1.64 14.30
N GLY C 60 -24.71 2.62 14.77
CA GLY C 60 -23.83 2.48 15.92
C GLY C 60 -23.76 3.80 16.72
N PRO C 61 -22.71 4.02 17.52
CA PRO C 61 -21.66 3.05 17.81
C PRO C 61 -22.20 1.77 18.50
N ILE C 62 -21.51 0.66 18.30
CA ILE C 62 -21.84 -0.63 18.84
C ILE C 62 -20.69 -0.91 19.80
N ARG C 63 -20.87 -1.78 20.77
CA ARG C 63 -19.77 -2.10 21.69
C ARG C 63 -19.24 -3.43 21.20
N LEU C 64 -18.04 -3.41 20.62
CA LEU C 64 -17.39 -4.60 20.10
C LEU C 64 -16.55 -5.29 21.21
N GLN C 65 -16.76 -6.59 21.42
CA GLN C 65 -16.00 -7.34 22.44
C GLN C 65 -14.73 -7.91 21.83
N VAL C 66 -13.59 -7.29 22.11
CA VAL C 66 -12.29 -7.70 21.53
C VAL C 66 -11.50 -8.65 22.44
N THR C 67 -11.10 -9.79 21.90
CA THR C 67 -10.21 -10.71 22.58
C THR C 67 -8.85 -10.65 21.92
N VAL C 68 -7.85 -10.17 22.65
CA VAL C 68 -6.51 -10.06 22.18
C VAL C 68 -5.74 -11.37 22.38
N GLU C 69 -4.88 -11.71 21.42
CA GLU C 69 -4.18 -13.00 21.39
C GLU C 69 -2.86 -12.80 20.70
N ASP C 70 -1.91 -13.69 20.99
CA ASP C 70 -0.61 -13.66 20.33
C ASP C 70 -0.14 -15.08 20.07
N ALA C 71 1.11 -15.21 19.62
CA ALA C 71 1.82 -16.48 19.33
C ALA C 71 1.77 -17.56 20.42
N THR C 72 1.89 -17.17 21.70
CA THR C 72 1.92 -18.13 22.79
C THR C 72 0.75 -18.12 23.71
N SER C 73 -0.27 -17.30 23.46
CA SER C 73 -1.38 -17.19 24.43
C SER C 73 -2.22 -18.47 24.39
N VAL C 74 -2.71 -18.89 25.54
CA VAL C 74 -3.46 -20.14 25.65
C VAL C 74 -4.92 -19.90 25.32
N LEU C 75 -5.35 -20.43 24.19
CA LEU C 75 -6.70 -20.21 23.70
C LEU C 75 -7.69 -20.99 24.56
N SER C 76 -8.89 -20.44 24.75
CA SER C 76 -9.97 -21.16 25.43
C SER C 76 -11.32 -20.54 25.14
N SER C 77 -12.36 -21.38 25.07
CA SER C 77 -13.74 -20.90 24.92
C SER C 77 -14.24 -20.34 26.27
N SER C 78 -13.43 -19.47 26.87
CA SER C 78 -13.64 -18.94 28.23
C SER C 78 -14.25 -17.56 28.16
N SER C 79 -14.49 -17.07 26.93
CA SER C 79 -14.88 -15.67 26.69
C SER C 79 -13.83 -14.70 27.29
N SER C 80 -14.27 -13.81 28.19
CA SER C 80 -13.45 -12.73 28.71
C SER C 80 -12.75 -11.94 27.58
N ALA C 81 -13.53 -11.03 26.98
CA ALA C 81 -12.98 -9.95 26.20
C ALA C 81 -12.10 -9.07 27.15
N HIS C 82 -10.92 -8.74 26.68
CA HIS C 82 -9.99 -7.96 27.44
C HIS C 82 -10.48 -6.54 27.36
N VAL C 83 -11.06 -6.20 26.21
CA VAL C 83 -11.45 -4.84 25.91
C VAL C 83 -12.81 -4.79 25.20
N SER C 84 -13.60 -3.80 25.57
CA SER C 84 -14.77 -3.38 24.82
C SER C 84 -14.42 -2.06 24.08
N LEU C 85 -14.77 -1.97 22.79
CA LEU C 85 -14.60 -0.73 22.00
C LEU C 85 -15.93 -0.33 21.39
N LYS C 86 -16.23 0.96 21.53
CA LYS C 86 -17.39 1.57 20.93
C LYS C 86 -16.95 1.98 19.53
N ILE C 87 -17.60 1.44 18.52
CA ILE C 87 -17.22 1.73 17.15
C ILE C 87 -18.40 1.46 16.23
N HIS C 88 -18.47 2.22 15.13
CA HIS C 88 -19.60 2.10 14.20
C HIS C 88 -19.35 0.95 13.25
N PRO C 89 -20.40 0.19 12.94
CA PRO C 89 -20.34 -0.86 11.93
C PRO C 89 -19.86 -0.45 10.54
N HIS C 90 -20.09 0.80 10.16
CA HIS C 90 -19.69 1.32 8.85
C HIS C 90 -18.18 1.49 8.77
N CYS C 91 -17.50 1.47 9.91
CA CYS C 91 -16.07 1.67 9.97
C CYS C 91 -15.33 0.55 9.26
N SER C 92 -14.36 0.97 8.47
CA SER C 92 -13.38 0.10 7.94
C SER C 92 -12.51 -0.51 9.05
N ILE C 93 -12.02 -1.69 8.74
CA ILE C 93 -11.02 -2.39 9.57
C ILE C 93 -9.75 -1.54 9.71
N ALA C 94 -9.37 -0.79 8.68
CA ALA C 94 -8.28 0.18 8.77
C ALA C 94 -8.55 1.26 9.84
N ALA C 95 -9.81 1.67 10.02
CA ALA C 95 -10.14 2.67 11.06
C ALA C 95 -10.22 2.06 12.47
N LEU C 96 -10.62 0.78 12.57
CA LEU C 96 -10.45 0.04 13.83
C LEU C 96 -8.93 -0.05 14.21
N GLN C 97 -8.08 -0.28 13.22
CA GLN C 97 -6.64 -0.35 13.48
C GLN C 97 -6.09 1.00 13.93
N ASP C 98 -6.60 2.10 13.35
CA ASP C 98 -6.20 3.46 13.78
C ASP C 98 -6.68 3.80 15.18
N GLN C 99 -7.93 3.53 15.49
CA GLN C 99 -8.43 3.69 16.86
C GLN C 99 -7.60 2.90 17.90
N VAL C 100 -7.22 1.67 17.55
CA VAL C 100 -6.49 0.77 18.46
C VAL C 100 -5.05 1.22 18.60
N PHE C 101 -4.48 1.74 17.52
CA PHE C 101 -3.16 2.36 17.60
C PHE C 101 -3.17 3.58 18.54
N SER C 102 -4.22 4.40 18.46
CA SER C 102 -4.44 5.56 19.34
C SER C 102 -4.55 5.11 20.79
N GLU C 103 -5.64 4.42 21.15
CA GLU C 103 -5.85 4.02 22.53
C GLU C 103 -4.71 3.20 23.14
N PHE C 104 -4.08 2.30 22.37
CA PHE C 104 -3.19 1.30 22.98
C PHE C 104 -1.73 1.19 22.47
N GLY C 105 -1.37 1.79 21.35
CA GLY C 105 0.03 1.81 20.94
C GLY C 105 0.53 0.82 19.92
N PHE C 106 -0.32 -0.11 19.48
CA PHE C 106 0.09 -1.20 18.56
C PHE C 106 -0.16 -0.73 17.12
N PRO C 107 0.91 -0.58 16.31
CA PRO C 107 0.62 -0.06 14.97
C PRO C 107 -0.15 -1.08 14.13
N PRO C 108 -0.84 -0.61 13.07
CA PRO C 108 -1.51 -1.52 12.11
C PRO C 108 -0.64 -2.69 11.64
N ALA C 109 0.64 -2.43 11.41
CA ALA C 109 1.54 -3.46 10.92
C ALA C 109 1.56 -4.75 11.74
N VAL C 110 1.26 -4.68 13.04
CA VAL C 110 1.19 -5.86 13.87
C VAL C 110 -0.22 -6.28 14.24
N GLN C 111 -1.25 -5.56 13.84
CA GLN C 111 -2.61 -6.03 14.08
C GLN C 111 -3.15 -6.96 12.94
N ARG C 112 -3.77 -8.07 13.34
CA ARG C 112 -4.53 -8.87 12.44
C ARG C 112 -5.85 -9.14 13.10
N TRP C 113 -6.91 -8.84 12.36
CA TRP C 113 -8.23 -8.91 12.86
C TRP C 113 -8.93 -10.12 12.31
N VAL C 114 -9.51 -10.91 13.20
CA VAL C 114 -10.33 -12.03 12.86
C VAL C 114 -11.75 -11.82 13.39
N ILE C 115 -12.73 -11.85 12.50
CA ILE C 115 -14.10 -11.78 12.92
C ILE C 115 -14.79 -12.98 12.29
N GLY C 116 -15.34 -13.88 13.10
CA GLY C 116 -15.94 -15.08 12.57
C GLY C 116 -14.93 -15.98 11.87
N ARG C 117 -15.33 -16.53 10.74
CA ARG C 117 -14.46 -17.35 9.89
C ARG C 117 -13.38 -16.57 9.14
N CYS C 118 -13.36 -15.22 9.17
CA CYS C 118 -12.49 -14.46 8.25
C CYS C 118 -11.30 -13.76 8.92
N LEU C 119 -10.18 -13.70 8.22
CA LEU C 119 -9.11 -12.73 8.50
C LEU C 119 -9.59 -11.55 7.72
N CYS C 120 -9.59 -10.37 8.34
CA CYS C 120 -10.26 -9.21 7.74
C CYS C 120 -9.35 -8.39 6.83
N MET C 121 -9.88 -7.85 5.73
CA MET C 121 -9.13 -6.84 4.96
C MET C 121 -9.31 -5.43 5.51
N PRO C 122 -8.22 -4.68 5.66
CA PRO C 122 -8.38 -3.29 6.09
C PRO C 122 -9.45 -2.48 5.37
N GLU C 123 -9.60 -2.70 4.05
CA GLU C 123 -10.48 -1.90 3.18
C GLU C 123 -12.00 -2.13 3.45
N ARG C 124 -12.33 -3.24 4.09
CA ARG C 124 -13.70 -3.64 4.26
C ARG C 124 -14.28 -3.12 5.57
N SER C 125 -15.59 -2.89 5.60
CA SER C 125 -16.27 -2.49 6.80
C SER C 125 -16.42 -3.63 7.83
N LEU C 126 -16.53 -3.24 9.09
CA LEU C 126 -16.97 -4.16 10.13
C LEU C 126 -18.31 -4.85 9.80
N ALA C 127 -19.28 -4.04 9.37
CA ALA C 127 -20.56 -4.58 8.96
C ALA C 127 -20.42 -5.78 7.99
N SER C 128 -19.55 -5.65 6.99
CA SER C 128 -19.36 -6.69 5.98
C SER C 128 -18.87 -8.02 6.55
N TYR C 129 -18.24 -8.00 7.73
CA TYR C 129 -17.94 -9.21 8.50
C TYR C 129 -19.02 -9.62 9.53
N GLY C 130 -20.20 -8.99 9.48
CA GLY C 130 -21.34 -9.35 10.35
C GLY C 130 -21.47 -8.61 11.68
N VAL C 131 -20.61 -7.65 11.94
CA VAL C 131 -20.70 -6.84 13.15
C VAL C 131 -21.91 -5.88 13.04
N SER C 132 -22.82 -5.97 14.01
CA SER C 132 -23.98 -5.07 14.04
C SER C 132 -24.66 -4.86 15.40
N GLN C 133 -24.29 -5.65 16.41
CA GLN C 133 -24.89 -5.62 17.73
C GLN C 133 -23.85 -5.43 18.84
N ASP C 134 -24.31 -4.84 19.93
CA ASP C 134 -23.54 -4.79 21.17
C ASP C 134 -23.12 -6.21 21.55
N GLY C 135 -21.93 -6.32 22.11
CA GLY C 135 -21.41 -7.58 22.52
C GLY C 135 -20.78 -8.45 21.48
N ASP C 136 -20.89 -8.10 20.20
CA ASP C 136 -20.32 -8.90 19.11
C ASP C 136 -18.82 -9.15 19.25
N PRO C 137 -18.38 -10.41 19.02
CA PRO C 137 -16.98 -10.82 19.27
C PRO C 137 -16.03 -10.72 18.05
N ALA C 138 -14.87 -10.12 18.27
CA ALA C 138 -13.80 -9.95 17.27
C ALA C 138 -12.51 -10.32 17.96
N PHE C 139 -11.52 -10.82 17.23
CA PHE C 139 -10.22 -11.20 17.76
C PHE C 139 -9.13 -10.32 17.17
N LEU C 140 -8.31 -9.75 18.05
CA LEU C 140 -7.14 -9.01 17.66
C LEU C 140 -5.92 -9.91 17.87
N TYR C 141 -5.31 -10.35 16.78
CA TYR C 141 -4.09 -11.15 16.87
C TYR C 141 -2.90 -10.22 16.66
N LEU C 142 -2.02 -10.16 17.65
CA LEU C 142 -0.85 -9.29 17.58
C LEU C 142 0.43 -10.08 17.28
N LEU C 143 1.04 -9.75 16.14
CA LEU C 143 2.28 -10.35 15.65
C LEU C 143 3.47 -9.90 16.49
N SER C 144 4.50 -10.72 16.49
CA SER C 144 5.64 -10.56 17.40
C SER C 144 6.93 -10.31 16.67
N ALA C 145 6.90 -10.20 15.33
CA ALA C 145 8.10 -9.95 14.50
C ALA C 145 7.75 -9.31 13.17
N PRO C 146 7.32 -8.02 13.19
CA PRO C 146 6.88 -7.33 11.95
C PRO C 146 7.93 -7.18 10.83
C1 GOL D . 38.53 9.40 -10.80
O1 GOL D . 39.83 10.00 -11.08
C2 GOL D . 37.92 9.79 -9.45
O2 GOL D . 37.44 11.14 -9.50
C3 GOL D . 36.79 8.83 -9.05
O3 GOL D . 35.95 9.34 -7.97
#